data_2J0B
#
_entry.id   2J0B
#
_cell.length_a   161.760
_cell.length_b   40.970
_cell.length_c   38.370
_cell.angle_alpha   90.00
_cell.angle_beta   90.00
_cell.angle_gamma   90.00
#
_symmetry.space_group_name_H-M   'P 21 21 2'
#
loop_
_entity.id
_entity.type
_entity.pdbx_description
1 polymer 'BETA-1,3-N-ACETYLGLUCOSAMINYLTRANSFERASE MANIC FRINGE'
2 non-polymer 'SULFATE ION'
3 non-polymer 'POTASSIUM ION'
4 non-polymer 'MANGANESE (II) ION'
5 non-polymer "URIDINE-5'-DIPHOSPHATE"
6 water water
#
_entity_poly.entity_id   1
_entity_poly.type   'polypeptide(L)'
_entity_poly.pdbx_seq_one_letter_code
;GPMNPGPLELQLGDIFIAVKTTWAFHRSRLDLLLDTWVSRIRQQTFIFTDSPDERLQERLGPHLVVTQCSAEHSHPALSC
KMAAEFDAFLVSGLRWFCHVDDDNYVNPKALLQLLKTFPQDRDVYVGKPSLNRPIHASELQSKQRTKLVRFWFATGGAGF
CINRQLALKMVPWASGSHFVDTSALIRLPDDCTVGYIIECKLGGRLQPSPLFHSHLETLQLLGAAQLPEQVTLSYGVFEG
KLNVIKLPGPFSHEEDPSRFRSLHCLLYPDTPWCPLLAAP
;
_entity_poly.pdbx_strand_id   A
#
# COMPACT_ATOMS: atom_id res chain seq x y z
N GLU A 9 -8.83 -7.44 -19.56
CA GLU A 9 -9.06 -6.02 -19.96
C GLU A 9 -8.61 -5.04 -18.86
N LEU A 10 -8.64 -5.43 -17.59
CA LEU A 10 -8.08 -4.57 -16.54
C LEU A 10 -6.59 -4.38 -16.85
N GLN A 11 -6.12 -3.14 -16.81
CA GLN A 11 -4.70 -2.79 -17.01
C GLN A 11 -4.10 -2.11 -15.78
N LEU A 12 -2.77 -1.97 -15.76
CA LEU A 12 -2.07 -1.24 -14.71
C LEU A 12 -2.55 0.21 -14.57
N GLY A 13 -2.93 0.79 -15.71
CA GLY A 13 -3.54 2.12 -15.84
C GLY A 13 -4.81 2.30 -15.03
N ASP A 14 -5.45 1.21 -14.68
CA ASP A 14 -6.70 1.24 -13.91
C ASP A 14 -6.48 1.28 -12.40
N ILE A 15 -5.22 1.29 -11.97
CA ILE A 15 -4.90 1.18 -10.57
C ILE A 15 -4.27 2.47 -10.05
N PHE A 16 -4.75 2.92 -8.91
CA PHE A 16 -4.23 4.05 -8.21
C PHE A 16 -3.57 3.57 -6.92
N ILE A 17 -2.25 3.69 -6.88
CA ILE A 17 -1.51 3.20 -5.73
C ILE A 17 -1.11 4.40 -4.87
N ALA A 18 -1.55 4.38 -3.64
CA ALA A 18 -1.34 5.48 -2.73
C ALA A 18 -0.39 5.00 -1.63
N VAL A 19 0.68 5.75 -1.44
CA VAL A 19 1.66 5.46 -0.43
C VAL A 19 1.61 6.52 0.64
N LYS A 20 1.42 6.12 1.88
CA LYS A 20 1.45 7.06 3.01
C LYS A 20 2.86 7.26 3.51
N THR A 21 3.30 8.50 3.64
CA THR A 21 4.59 8.75 4.24
C THR A 21 4.52 10.04 5.02
N THR A 22 5.65 10.40 5.58
CA THR A 22 5.79 11.56 6.34
C THR A 22 7.21 12.06 6.15
N TRP A 23 7.38 13.34 6.32
CA TRP A 23 8.64 14.02 6.05
C TRP A 23 9.90 13.32 6.65
N ALA A 24 9.74 12.82 7.85
CA ALA A 24 10.86 12.24 8.57
C ALA A 24 11.31 10.93 7.95
N PHE A 25 10.52 10.34 7.04
CA PHE A 25 10.89 9.15 6.39
C PHE A 25 11.25 9.35 4.92
N HIS A 26 11.29 10.59 4.42
CA HIS A 26 11.66 10.82 3.01
C HIS A 26 13.04 10.19 2.63
N ARG A 27 14.07 10.46 3.42
CA ARG A 27 15.37 9.84 3.19
C ARG A 27 15.42 8.37 3.59
N SER A 28 14.95 8.02 4.76
CA SER A 28 15.13 6.69 5.30
C SER A 28 14.27 5.62 4.62
N ARG A 29 13.10 6.00 4.06
CA ARG A 29 12.20 5.03 3.49
C ARG A 29 11.80 5.24 2.07
N LEU A 30 11.56 6.50 1.73
CA LEU A 30 10.90 6.83 0.48
C LEU A 30 11.84 6.69 -0.65
N ASP A 31 13.06 7.23 -0.53
CA ASP A 31 14.07 7.05 -1.57
C ASP A 31 14.25 5.56 -1.97
N LEU A 32 14.21 4.68 -1.00
CA LEU A 32 14.31 3.24 -1.21
C LEU A 32 13.17 2.77 -2.08
N LEU A 33 11.96 3.23 -1.81
CA LEU A 33 10.87 2.83 -2.69
C LEU A 33 10.95 3.42 -4.07
N LEU A 34 11.39 4.66 -4.20
CA LEU A 34 11.52 5.24 -5.50
C LEU A 34 12.58 4.53 -6.39
N ASP A 35 13.68 4.07 -5.80
CA ASP A 35 14.74 3.40 -6.59
C ASP A 35 14.18 2.06 -6.96
N THR A 36 13.23 1.58 -6.18
CA THR A 36 12.73 0.20 -6.39
C THR A 36 11.33 0.15 -7.02
N TRP A 37 10.34 -0.37 -6.30
CA TRP A 37 9.08 -0.67 -6.98
C TRP A 37 8.39 0.51 -7.57
N VAL A 38 8.58 1.69 -7.01
CA VAL A 38 7.84 2.81 -7.55
C VAL A 38 8.41 3.11 -8.94
N SER A 39 9.72 2.86 -9.16
CA SER A 39 10.34 3.03 -10.49
C SER A 39 9.67 2.19 -11.61
N ARG A 40 8.99 1.10 -11.25
CA ARG A 40 8.33 0.29 -12.25
C ARG A 40 6.87 0.64 -12.49
N ILE A 41 6.30 1.55 -11.69
CA ILE A 41 4.83 1.83 -11.80
C ILE A 41 4.57 3.29 -11.42
N ARG A 42 5.52 4.14 -11.78
CA ARG A 42 5.49 5.51 -11.36
C ARG A 42 4.17 6.18 -11.84
N GLN A 43 3.65 5.81 -13.02
CA GLN A 43 2.47 6.54 -13.54
C GLN A 43 1.25 6.31 -12.66
N GLN A 44 1.24 5.23 -11.92
CA GLN A 44 0.12 4.85 -11.13
C GLN A 44 0.30 5.16 -9.68
N THR A 45 1.46 5.66 -9.29
CA THR A 45 1.82 5.77 -7.90
C THR A 45 1.80 7.18 -7.40
N PHE A 46 1.14 7.37 -6.27
CA PHE A 46 1.02 8.66 -5.62
C PHE A 46 1.50 8.57 -4.19
N ILE A 47 2.42 9.46 -3.84
CA ILE A 47 3.04 9.51 -2.55
C ILE A 47 2.39 10.66 -1.78
N PHE A 48 1.82 10.32 -0.66
CA PHE A 48 1.13 11.31 0.20
C PHE A 48 1.95 11.59 1.41
N THR A 49 2.35 12.85 1.53
CA THR A 49 3.25 13.24 2.60
C THR A 49 2.73 14.52 3.19
N ASP A 50 3.47 15.03 4.15
CA ASP A 50 3.04 16.21 4.93
C ASP A 50 3.99 17.39 4.84
N SER A 51 5.04 17.27 4.03
CA SER A 51 6.00 18.37 3.79
C SER A 51 6.60 18.25 2.39
N PRO A 52 6.93 19.40 1.77
CA PRO A 52 7.58 19.33 0.48
C PRO A 52 8.98 18.74 0.54
N ASP A 53 9.47 18.36 -0.62
CA ASP A 53 10.76 17.75 -0.73
C ASP A 53 11.26 17.91 -2.17
N GLU A 54 12.41 18.56 -2.32
CA GLU A 54 13.08 18.78 -3.60
C GLU A 54 13.41 17.50 -4.38
N ARG A 55 14.13 16.57 -3.77
CA ARG A 55 14.46 15.30 -4.44
C ARG A 55 13.19 14.64 -4.95
N LEU A 56 12.22 14.45 -4.07
CA LEU A 56 10.98 13.80 -4.44
C LEU A 56 10.18 14.58 -5.48
N GLN A 57 10.04 15.88 -5.31
CA GLN A 57 9.28 16.66 -6.28
C GLN A 57 9.97 16.54 -7.64
N GLU A 58 11.28 16.35 -7.65
CA GLU A 58 12.09 16.22 -8.88
C GLU A 58 11.70 14.92 -9.59
N ARG A 59 11.88 13.81 -8.87
CA ARG A 59 11.50 12.49 -9.32
C ARG A 59 9.98 12.24 -9.51
N LEU A 60 9.07 13.12 -9.06
CA LEU A 60 7.64 12.71 -8.94
C LEU A 60 6.64 13.69 -9.49
N GLY A 61 7.01 14.96 -9.52
CA GLY A 61 6.08 15.98 -9.96
C GLY A 61 4.76 15.87 -9.22
N PRO A 62 3.66 15.93 -9.95
CA PRO A 62 2.36 15.85 -9.35
C PRO A 62 2.09 14.53 -8.62
N HIS A 63 2.95 13.52 -8.76
CA HIS A 63 2.85 12.29 -8.00
C HIS A 63 3.27 12.43 -6.53
N LEU A 64 3.90 13.53 -6.15
CA LEU A 64 4.11 13.79 -4.74
C LEU A 64 2.96 14.69 -4.31
N VAL A 65 2.16 14.25 -3.37
CA VAL A 65 1.05 15.08 -2.92
C VAL A 65 1.39 15.48 -1.51
N VAL A 66 1.70 16.74 -1.31
CA VAL A 66 1.87 17.20 0.03
C VAL A 66 0.54 17.78 0.59
N THR A 67 0.06 17.14 1.64
CA THR A 67 -1.14 17.53 2.31
C THR A 67 -0.85 18.51 3.46
N GLN A 68 -1.75 19.43 3.70
CA GLN A 68 -1.52 20.43 4.72
C GLN A 68 -2.74 20.31 5.62
N CYS A 69 -2.57 19.47 6.64
CA CYS A 69 -3.64 18.87 7.43
C CYS A 69 -3.78 19.58 8.77
N ALA A 77 -13.11 11.49 10.97
CA ALA A 77 -13.51 10.19 10.42
C ALA A 77 -12.30 9.37 10.00
N LEU A 78 -11.58 9.88 9.03
CA LEU A 78 -10.33 9.33 8.59
C LEU A 78 -9.30 10.39 8.90
N SER A 79 -8.08 9.97 9.16
CA SER A 79 -7.00 10.93 9.24
C SER A 79 -6.93 11.72 7.94
N CYS A 80 -6.19 12.81 7.99
CA CYS A 80 -6.25 13.73 6.93
C CYS A 80 -5.31 13.33 5.78
N LYS A 81 -4.24 12.60 6.04
CA LYS A 81 -3.50 11.99 4.95
C LYS A 81 -4.33 10.87 4.28
N MET A 82 -5.07 10.06 5.06
CA MET A 82 -5.90 8.99 4.48
C MET A 82 -7.09 9.52 3.68
N ALA A 83 -7.76 10.54 4.23
CA ALA A 83 -8.79 11.27 3.52
C ALA A 83 -8.18 11.80 2.24
N ALA A 84 -6.96 12.32 2.30
CA ALA A 84 -6.35 12.88 1.10
C ALA A 84 -6.15 11.83 0.00
N GLU A 85 -5.76 10.62 0.40
CA GLU A 85 -5.57 9.53 -0.51
C GLU A 85 -6.89 9.15 -1.18
N PHE A 86 -7.95 9.03 -0.40
CA PHE A 86 -9.24 8.62 -0.94
C PHE A 86 -9.82 9.67 -1.89
N ASP A 87 -9.70 10.94 -1.52
CA ASP A 87 -10.15 12.06 -2.35
C ASP A 87 -9.38 12.08 -3.68
N ALA A 88 -8.06 12.03 -3.63
CA ALA A 88 -7.25 11.92 -4.84
C ALA A 88 -7.62 10.72 -5.73
N PHE A 89 -7.77 9.57 -5.11
CA PHE A 89 -8.23 8.39 -5.83
C PHE A 89 -9.54 8.70 -6.55
N LEU A 90 -10.50 9.28 -5.84
CA LEU A 90 -11.83 9.48 -6.43
C LEU A 90 -11.79 10.49 -7.55
N VAL A 91 -11.01 11.54 -7.37
CA VAL A 91 -10.78 12.47 -8.42
C VAL A 91 -10.10 11.81 -9.66
N SER A 92 -9.21 10.83 -9.48
CA SER A 92 -8.53 10.15 -10.61
C SER A 92 -9.50 9.44 -11.59
N GLY A 93 -10.64 8.99 -11.06
CA GLY A 93 -11.56 8.18 -11.77
C GLY A 93 -11.16 6.77 -12.01
N LEU A 94 -10.04 6.34 -11.44
CA LEU A 94 -9.48 5.05 -11.72
C LEU A 94 -10.34 4.04 -10.97
N ARG A 95 -10.27 2.80 -11.40
CA ARG A 95 -11.15 1.75 -10.92
C ARG A 95 -10.74 1.21 -9.55
N TRP A 96 -9.43 1.17 -9.30
CA TRP A 96 -8.88 0.54 -8.13
C TRP A 96 -8.00 1.45 -7.36
N PHE A 97 -8.20 1.44 -6.03
CA PHE A 97 -7.42 2.13 -5.07
C PHE A 97 -6.69 1.10 -4.28
N CYS A 98 -5.40 1.26 -4.18
CA CYS A 98 -4.61 0.43 -3.33
C CYS A 98 -3.78 1.31 -2.46
N HIS A 99 -3.92 1.12 -1.17
CA HIS A 99 -3.15 1.87 -0.22
C HIS A 99 -2.00 1.01 0.37
N VAL A 100 -0.80 1.59 0.45
CA VAL A 100 0.31 0.96 1.15
C VAL A 100 1.01 2.01 2.00
N ASP A 101 1.74 1.53 3.02
CA ASP A 101 2.63 2.39 3.85
C ASP A 101 4.02 2.47 3.23
N ASP A 102 4.87 3.32 3.77
CA ASP A 102 6.13 3.55 3.14
C ASP A 102 7.19 2.47 3.48
N ASP A 103 6.79 1.45 4.24
CA ASP A 103 7.64 0.28 4.46
C ASP A 103 7.09 -0.94 3.75
N ASN A 104 6.26 -0.70 2.75
CA ASN A 104 5.75 -1.74 1.93
C ASN A 104 6.44 -1.78 0.57
N TYR A 105 6.62 -2.97 0.01
CA TYR A 105 7.07 -3.15 -1.35
C TYR A 105 5.86 -3.65 -2.13
N VAL A 106 5.63 -3.13 -3.32
CA VAL A 106 4.52 -3.60 -4.15
C VAL A 106 5.01 -4.20 -5.44
N ASN A 107 4.56 -5.42 -5.71
CA ASN A 107 4.74 -6.06 -6.97
C ASN A 107 3.50 -5.79 -7.82
N PRO A 108 3.61 -4.84 -8.78
CA PRO A 108 2.45 -4.39 -9.49
C PRO A 108 1.92 -5.43 -10.44
N LYS A 109 2.78 -6.29 -10.94
CA LYS A 109 2.34 -7.39 -11.82
C LYS A 109 1.50 -8.42 -11.05
N ALA A 110 1.94 -8.76 -9.82
CA ALA A 110 1.16 -9.64 -8.94
C ALA A 110 -0.16 -8.94 -8.54
N LEU A 111 -0.09 -7.63 -8.26
CA LEU A 111 -1.27 -6.86 -7.93
C LEU A 111 -2.32 -6.92 -9.03
N LEU A 112 -1.88 -6.64 -10.25
CA LEU A 112 -2.77 -6.60 -11.38
C LEU A 112 -3.43 -7.98 -11.55
N GLN A 113 -2.67 -9.06 -11.36
CA GLN A 113 -3.24 -10.39 -11.54
C GLN A 113 -4.22 -10.71 -10.47
N LEU A 114 -4.01 -10.21 -9.26
CA LEU A 114 -5.01 -10.42 -8.22
C LEU A 114 -6.28 -9.66 -8.54
N LEU A 115 -6.13 -8.40 -8.92
CA LEU A 115 -7.29 -7.57 -9.20
C LEU A 115 -8.16 -8.03 -10.35
N LYS A 116 -7.54 -8.63 -11.35
CA LYS A 116 -8.22 -9.27 -12.52
C LYS A 116 -9.15 -10.40 -12.13
N THR A 117 -8.98 -10.83 -10.91
CA THR A 117 -9.61 -12.03 -10.41
C THR A 117 -11.03 -11.69 -9.91
N PHE A 118 -11.30 -10.41 -9.68
CA PHE A 118 -12.61 -9.98 -9.14
C PHE A 118 -13.60 -9.65 -10.24
N PRO A 119 -14.84 -10.10 -10.07
CA PRO A 119 -15.94 -9.60 -10.87
C PRO A 119 -15.94 -8.09 -10.89
N GLN A 120 -16.07 -7.53 -12.08
CA GLN A 120 -15.84 -6.11 -12.31
C GLN A 120 -17.02 -5.24 -11.83
N ASP A 121 -18.19 -5.85 -11.67
CA ASP A 121 -19.39 -5.12 -11.24
C ASP A 121 -19.74 -5.26 -9.75
N ARG A 122 -18.85 -5.86 -8.97
CA ARG A 122 -19.05 -6.02 -7.52
C ARG A 122 -18.12 -5.11 -6.73
N ASP A 123 -18.57 -4.70 -5.54
CA ASP A 123 -17.78 -3.96 -4.56
C ASP A 123 -16.66 -4.82 -4.05
N VAL A 124 -15.43 -4.38 -4.14
CA VAL A 124 -14.36 -5.18 -3.50
C VAL A 124 -13.47 -4.41 -2.58
N TYR A 125 -13.22 -5.07 -1.48
CA TYR A 125 -12.29 -4.69 -0.43
C TYR A 125 -11.42 -5.94 -0.21
N VAL A 126 -10.15 -5.83 -0.52
CA VAL A 126 -9.23 -6.98 -0.45
C VAL A 126 -7.96 -6.58 0.29
N GLY A 127 -7.47 -7.49 1.09
CA GLY A 127 -6.29 -7.25 1.90
C GLY A 127 -6.09 -8.40 2.88
N LYS A 128 -5.20 -8.19 3.84
CA LYS A 128 -4.88 -9.21 4.81
C LYS A 128 -5.71 -8.97 6.07
N PRO A 129 -6.56 -9.92 6.45
CA PRO A 129 -7.44 -9.63 7.57
C PRO A 129 -6.73 -9.44 8.90
N SER A 130 -7.40 -8.69 9.75
CA SER A 130 -7.01 -8.50 11.14
C SER A 130 -8.26 -8.17 11.96
N LEU A 131 -8.15 -8.41 13.26
CA LEU A 131 -9.15 -8.00 14.24
C LEU A 131 -8.52 -6.99 15.22
N PHE A 151 -15.12 -6.66 14.37
CA PHE A 151 -15.27 -6.77 12.90
C PHE A 151 -13.93 -6.98 12.16
N TRP A 152 -14.00 -7.71 11.05
CA TRP A 152 -12.83 -7.93 10.18
C TRP A 152 -12.39 -6.64 9.51
N PHE A 153 -11.08 -6.47 9.36
CA PHE A 153 -10.56 -5.37 8.55
C PHE A 153 -9.18 -5.72 8.00
N ALA A 154 -8.78 -5.01 6.97
CA ALA A 154 -7.52 -5.24 6.32
C ALA A 154 -6.49 -4.37 7.01
N THR A 155 -5.47 -5.00 7.55
CA THR A 155 -4.31 -4.30 8.11
C THR A 155 -3.73 -3.30 7.14
N GLY A 156 -3.59 -2.05 7.58
CA GLY A 156 -3.13 -1.02 6.70
C GLY A 156 -1.71 -1.24 6.24
N GLY A 157 -0.90 -1.77 7.17
CA GLY A 157 0.51 -2.04 6.95
C GLY A 157 0.80 -3.16 5.96
N ALA A 158 -0.22 -3.94 5.58
CA ALA A 158 -0.05 -4.95 4.57
C ALA A 158 -0.50 -4.44 3.19
N GLY A 159 -1.10 -3.26 3.13
CA GLY A 159 -1.66 -2.81 1.90
C GLY A 159 -3.06 -3.37 1.75
N PHE A 160 -3.93 -2.59 1.13
CA PHE A 160 -5.25 -3.08 0.83
C PHE A 160 -5.81 -2.33 -0.38
N CYS A 161 -6.76 -2.95 -1.08
CA CYS A 161 -7.35 -2.33 -2.26
C CYS A 161 -8.89 -2.29 -2.20
N ILE A 162 -9.43 -1.27 -2.84
CA ILE A 162 -10.84 -1.02 -2.87
C ILE A 162 -11.13 -0.54 -4.27
N ASN A 163 -12.24 -0.96 -4.85
CA ASN A 163 -12.58 -0.44 -6.16
C ASN A 163 -13.46 0.81 -6.05
N ARG A 164 -13.54 1.57 -7.15
CA ARG A 164 -14.17 2.90 -7.13
C ARG A 164 -15.65 2.85 -6.69
N GLN A 165 -16.41 1.83 -7.12
CA GLN A 165 -17.83 1.79 -6.78
C GLN A 165 -18.03 1.62 -5.26
N LEU A 166 -17.18 0.85 -4.59
CA LEU A 166 -17.21 0.79 -3.13
C LEU A 166 -16.73 2.11 -2.46
N ALA A 167 -15.62 2.61 -2.93
CA ALA A 167 -15.09 3.85 -2.40
C ALA A 167 -16.11 4.99 -2.51
N LEU A 168 -16.83 5.08 -3.61
CA LEU A 168 -17.88 6.10 -3.71
C LEU A 168 -19.04 5.91 -2.69
N LYS A 169 -19.29 4.66 -2.24
CA LYS A 169 -20.33 4.39 -1.27
C LYS A 169 -19.89 4.77 0.13
N MET A 170 -18.58 4.79 0.33
CA MET A 170 -17.99 5.09 1.62
C MET A 170 -17.96 6.58 1.93
N VAL A 171 -18.24 7.45 0.95
CA VAL A 171 -17.94 8.89 1.06
C VAL A 171 -18.59 9.56 2.28
N PRO A 172 -19.87 9.25 2.55
CA PRO A 172 -20.51 9.96 3.65
C PRO A 172 -19.86 9.73 5.02
N TRP A 173 -19.34 8.53 5.23
CA TRP A 173 -18.64 8.19 6.47
C TRP A 173 -17.19 8.63 6.39
N ALA A 174 -16.55 8.35 5.26
CA ALA A 174 -15.13 8.65 5.09
C ALA A 174 -14.88 10.16 5.25
N SER A 175 -15.85 10.95 4.80
CA SER A 175 -15.75 12.39 4.81
C SER A 175 -16.16 13.02 6.13
N GLY A 176 -16.71 12.23 7.06
CA GLY A 176 -17.14 12.75 8.36
C GLY A 176 -18.43 13.54 8.26
N SER A 177 -19.28 13.19 7.30
CA SER A 177 -20.44 14.04 7.00
C SER A 177 -21.43 14.09 8.16
N HIS A 178 -22.18 15.19 8.21
CA HIS A 178 -23.08 15.46 9.33
C HIS A 178 -24.36 14.63 9.23
N PHE A 179 -24.46 13.81 8.18
CA PHE A 179 -25.68 13.05 8.01
C PHE A 179 -25.50 11.53 8.04
N VAL A 180 -24.41 11.11 8.67
CA VAL A 180 -24.19 9.75 9.09
C VAL A 180 -23.58 9.78 10.50
N ASP A 181 -23.70 8.64 11.18
CA ASP A 181 -23.18 8.50 12.53
C ASP A 181 -21.75 8.05 12.40
N THR A 182 -20.85 8.92 12.80
CA THR A 182 -19.41 8.63 12.77
C THR A 182 -18.82 8.61 14.18
N SER A 183 -19.68 8.55 15.20
CA SER A 183 -19.25 8.48 16.61
C SER A 183 -18.40 7.24 16.88
N ALA A 184 -18.80 6.11 16.31
CA ALA A 184 -18.00 4.89 16.39
C ALA A 184 -16.64 5.02 15.71
N LEU A 185 -16.55 5.90 14.71
CA LEU A 185 -15.39 6.01 13.82
C LEU A 185 -14.28 6.87 14.37
N ILE A 186 -14.61 7.86 15.19
CA ILE A 186 -13.61 8.88 15.55
C ILE A 186 -12.37 8.32 16.27
N ARG A 187 -12.57 7.36 17.19
CA ARG A 187 -11.45 6.71 17.92
C ARG A 187 -10.93 5.37 17.30
N LEU A 188 -11.21 5.12 16.03
CA LEU A 188 -10.66 3.97 15.30
C LEU A 188 -9.50 4.45 14.44
N PRO A 189 -8.42 3.66 14.32
CA PRO A 189 -7.39 3.98 13.32
C PRO A 189 -7.94 3.92 11.90
N ASP A 190 -7.19 4.45 10.94
CA ASP A 190 -7.65 4.52 9.54
C ASP A 190 -8.00 3.16 8.98
N ASP A 191 -7.18 2.15 9.23
CA ASP A 191 -7.45 0.84 8.58
C ASP A 191 -8.73 0.20 9.13
N CYS A 192 -8.95 0.30 10.45
CA CYS A 192 -10.15 -0.22 11.05
C CYS A 192 -11.39 0.60 10.63
N THR A 193 -11.23 1.91 10.48
CA THR A 193 -12.32 2.80 10.01
C THR A 193 -12.80 2.39 8.63
N VAL A 194 -11.85 2.11 7.73
CA VAL A 194 -12.14 1.68 6.38
C VAL A 194 -12.96 0.40 6.46
N GLY A 195 -12.49 -0.56 7.26
CA GLY A 195 -13.18 -1.82 7.41
C GLY A 195 -14.55 -1.71 8.03
N TYR A 196 -14.66 -0.88 9.08
CA TYR A 196 -15.93 -0.62 9.75
C TYR A 196 -16.91 0.00 8.80
N ILE A 197 -16.50 1.00 8.03
CA ILE A 197 -17.43 1.61 7.07
C ILE A 197 -17.93 0.56 6.10
N ILE A 198 -17.00 -0.19 5.55
CA ILE A 198 -17.35 -1.17 4.53
C ILE A 198 -18.22 -2.30 5.08
N GLU A 199 -17.83 -2.86 6.21
CA GLU A 199 -18.56 -4.03 6.74
C GLU A 199 -19.80 -3.65 7.55
N CYS A 200 -19.68 -2.62 8.38
CA CYS A 200 -20.73 -2.28 9.34
C CYS A 200 -21.71 -1.23 8.84
N LYS A 201 -21.30 -0.40 7.90
CA LYS A 201 -22.20 0.61 7.32
C LYS A 201 -22.72 0.23 5.96
N LEU A 202 -21.94 -0.53 5.21
CA LEU A 202 -22.30 -0.82 3.83
C LEU A 202 -22.62 -2.30 3.56
N GLY A 203 -22.64 -3.11 4.62
CA GLY A 203 -22.92 -4.56 4.45
C GLY A 203 -21.93 -5.29 3.58
N GLY A 204 -20.74 -4.73 3.39
CA GLY A 204 -19.72 -5.37 2.56
C GLY A 204 -18.85 -6.35 3.33
N ARG A 205 -17.90 -6.97 2.64
CA ARG A 205 -17.01 -7.93 3.29
C ARG A 205 -15.57 -7.78 2.79
N LEU A 206 -14.61 -7.86 3.70
CA LEU A 206 -13.24 -8.04 3.34
C LEU A 206 -13.04 -9.36 2.62
N GLN A 207 -12.48 -9.29 1.44
CA GLN A 207 -11.92 -10.48 0.78
C GLN A 207 -10.46 -10.71 1.26
N PRO A 208 -10.20 -11.80 2.01
CA PRO A 208 -8.83 -11.98 2.42
C PRO A 208 -7.98 -12.45 1.24
N SER A 209 -6.74 -11.98 1.18
CA SER A 209 -5.75 -12.56 0.28
C SER A 209 -4.48 -12.89 1.08
N PRO A 210 -3.86 -14.06 0.86
CA PRO A 210 -2.56 -14.31 1.51
C PRO A 210 -1.41 -13.55 0.82
N LEU A 211 -1.71 -12.71 -0.18
CA LEU A 211 -0.63 -12.11 -0.99
C LEU A 211 -0.14 -10.78 -0.44
N PHE A 212 -0.84 -10.27 0.56
CA PHE A 212 -0.51 -9.00 1.20
C PHE A 212 0.14 -9.29 2.53
N HIS A 213 1.22 -8.58 2.85
CA HIS A 213 1.99 -8.83 4.02
C HIS A 213 2.44 -7.56 4.69
N SER A 214 2.27 -7.52 6.02
CA SER A 214 2.80 -6.49 6.89
C SER A 214 3.99 -7.03 7.62
N HIS A 215 4.59 -6.20 8.46
CA HIS A 215 5.66 -6.68 9.35
C HIS A 215 5.17 -7.08 10.73
N LEU A 216 3.87 -7.33 10.85
CA LEU A 216 3.26 -7.89 12.04
C LEU A 216 3.03 -9.35 11.77
N GLU A 217 4.00 -9.93 11.11
CA GLU A 217 3.87 -11.19 10.41
C GLU A 217 5.26 -11.72 10.36
N THR A 218 5.46 -13.01 10.55
CA THR A 218 6.80 -13.59 10.46
C THR A 218 7.13 -13.74 8.95
N LEU A 219 7.82 -12.73 8.45
CA LEU A 219 8.10 -12.64 7.00
C LEU A 219 9.17 -13.63 6.55
N GLN A 220 10.05 -14.00 7.46
CA GLN A 220 11.12 -14.95 7.16
C GLN A 220 10.57 -16.33 6.63
N LEU A 221 9.27 -16.57 6.76
CA LEU A 221 8.62 -17.73 6.13
C LEU A 221 8.27 -17.57 4.63
N LEU A 222 8.62 -16.45 4.05
CA LEU A 222 8.57 -16.23 2.62
C LEU A 222 9.99 -16.07 2.04
N GLY A 223 10.33 -16.98 1.10
CA GLY A 223 11.64 -17.01 0.40
C GLY A 223 11.57 -16.77 -1.11
N ALA A 224 12.71 -16.86 -1.79
CA ALA A 224 12.83 -16.45 -3.20
C ALA A 224 11.81 -17.18 -4.10
N ALA A 225 11.28 -18.32 -3.63
CA ALA A 225 10.26 -19.08 -4.38
C ALA A 225 8.88 -18.41 -4.27
N GLN A 226 8.48 -18.07 -3.06
CA GLN A 226 7.16 -17.46 -2.81
C GLN A 226 7.14 -15.96 -3.17
N LEU A 227 8.30 -15.33 -3.07
CA LEU A 227 8.40 -13.88 -3.09
C LEU A 227 7.85 -13.18 -4.33
N PRO A 228 8.17 -13.66 -5.56
CA PRO A 228 7.59 -13.03 -6.78
C PRO A 228 6.10 -13.14 -6.95
N GLU A 229 5.43 -14.01 -6.22
CA GLU A 229 3.96 -14.07 -6.32
C GLU A 229 3.24 -13.14 -5.34
N GLN A 230 3.96 -12.57 -4.41
CA GLN A 230 3.29 -11.73 -3.41
C GLN A 230 3.00 -10.32 -3.98
N VAL A 231 1.90 -9.73 -3.52
CA VAL A 231 1.50 -8.39 -3.91
C VAL A 231 2.21 -7.33 -3.08
N THR A 232 2.28 -7.53 -1.77
CA THR A 232 3.07 -6.63 -0.97
C THR A 232 3.97 -7.41 -0.06
N LEU A 233 5.11 -6.80 0.22
CA LEU A 233 5.99 -7.24 1.28
C LEU A 233 6.22 -6.04 2.21
N SER A 234 6.89 -6.30 3.30
CA SER A 234 7.09 -5.30 4.30
C SER A 234 8.43 -5.52 4.98
N TYR A 235 8.83 -4.58 5.81
CA TYR A 235 9.93 -4.74 6.73
C TYR A 235 9.60 -3.95 7.98
N GLY A 236 10.08 -4.41 9.13
CA GLY A 236 9.96 -3.62 10.33
C GLY A 236 10.14 -4.46 11.54
N VAL A 237 10.19 -3.80 12.68
CA VAL A 237 10.41 -4.46 13.97
C VAL A 237 9.07 -4.86 14.53
N PHE A 238 9.01 -6.11 14.96
CA PHE A 238 7.83 -6.64 15.57
C PHE A 238 8.21 -7.72 16.57
N GLU A 239 7.70 -7.56 17.77
CA GLU A 239 7.95 -8.49 18.85
C GLU A 239 9.46 -8.60 19.07
N GLY A 240 10.10 -7.43 19.11
CA GLY A 240 11.55 -7.36 19.41
C GLY A 240 12.46 -7.82 18.29
N LYS A 241 11.89 -8.15 17.13
CA LYS A 241 12.67 -8.71 16.04
C LYS A 241 12.54 -7.84 14.79
N LEU A 242 13.62 -7.68 14.05
CA LEU A 242 13.52 -7.09 12.73
C LEU A 242 12.95 -8.16 11.77
N ASN A 243 11.72 -7.97 11.37
CA ASN A 243 11.05 -8.90 10.53
CA ASN A 243 11.02 -8.92 10.50
C ASN A 243 11.25 -8.53 9.07
N VAL A 244 11.91 -9.41 8.32
CA VAL A 244 12.18 -9.16 6.93
C VAL A 244 12.00 -10.48 6.18
N ILE A 245 11.82 -10.36 4.87
CA ILE A 245 11.77 -11.50 3.96
C ILE A 245 13.12 -12.20 3.95
N LYS A 246 13.12 -13.45 3.56
CA LYS A 246 14.34 -14.23 3.57
C LYS A 246 14.90 -14.31 2.15
N LEU A 247 15.88 -13.47 1.85
CA LEU A 247 16.60 -13.50 0.56
C LEU A 247 18.07 -13.48 0.90
N PRO A 248 18.89 -14.38 0.35
CA PRO A 248 20.31 -14.21 0.69
C PRO A 248 21.02 -13.02 0.04
N GLY A 249 20.46 -12.47 -1.02
CA GLY A 249 21.15 -11.46 -1.75
C GLY A 249 20.23 -11.01 -2.85
N PRO A 250 20.79 -10.27 -3.85
CA PRO A 250 22.22 -10.07 -3.96
C PRO A 250 22.88 -8.99 -3.06
N PHE A 251 22.15 -8.16 -2.34
CA PHE A 251 22.77 -7.21 -1.40
C PHE A 251 22.90 -7.81 -0.01
N SER A 252 23.97 -7.49 0.68
CA SER A 252 24.08 -7.84 2.09
C SER A 252 22.95 -7.19 2.91
N HIS A 253 22.71 -7.77 4.08
CA HIS A 253 21.79 -7.18 5.03
C HIS A 253 22.26 -5.80 5.45
N GLU A 254 23.56 -5.58 5.46
CA GLU A 254 24.09 -4.26 5.87
C GLU A 254 23.81 -3.23 4.80
N GLU A 255 23.94 -3.57 3.51
CA GLU A 255 23.62 -2.63 2.44
C GLU A 255 22.12 -2.46 2.20
N ASP A 256 21.35 -3.45 2.61
CA ASP A 256 19.95 -3.62 2.23
C ASP A 256 19.19 -4.33 3.39
N PRO A 257 19.09 -3.64 4.53
CA PRO A 257 18.46 -4.26 5.70
C PRO A 257 16.98 -4.63 5.47
N SER A 258 16.27 -3.85 4.67
CA SER A 258 14.85 -4.19 4.33
C SER A 258 14.71 -5.41 3.40
N ARG A 259 15.77 -5.73 2.66
CA ARG A 259 15.79 -6.74 1.60
C ARG A 259 14.99 -6.28 0.37
N PHE A 260 14.57 -5.03 0.34
CA PHE A 260 13.79 -4.52 -0.80
C PHE A 260 14.61 -4.33 -2.05
N ARG A 261 15.87 -3.95 -1.93
CA ARG A 261 16.74 -3.85 -3.08
C ARG A 261 17.00 -5.24 -3.64
N SER A 262 17.29 -6.20 -2.78
CA SER A 262 17.48 -7.56 -3.20
C SER A 262 16.23 -8.13 -3.83
N LEU A 263 15.07 -7.91 -3.20
CA LEU A 263 13.82 -8.32 -3.81
C LEU A 263 13.69 -7.73 -5.18
N HIS A 264 13.97 -6.44 -5.29
CA HIS A 264 13.79 -5.70 -6.52
C HIS A 264 14.69 -6.27 -7.64
N CYS A 265 15.93 -6.56 -7.28
CA CYS A 265 16.84 -7.19 -8.21
C CYS A 265 16.42 -8.59 -8.64
N LEU A 266 15.84 -9.37 -7.74
CA LEU A 266 15.25 -10.66 -8.09
C LEU A 266 14.14 -10.51 -9.14
N LEU A 267 13.25 -9.56 -8.91
CA LEU A 267 12.09 -9.31 -9.78
C LEU A 267 12.46 -8.65 -11.12
N TYR A 268 13.44 -7.76 -11.08
CA TYR A 268 13.92 -7.01 -12.26
C TYR A 268 15.44 -7.08 -12.40
N PRO A 269 15.96 -8.23 -12.82
CA PRO A 269 17.45 -8.41 -12.89
C PRO A 269 18.17 -7.54 -13.95
N ASP A 270 17.43 -6.95 -14.89
CA ASP A 270 17.92 -5.95 -15.85
C ASP A 270 18.35 -4.63 -15.18
N THR A 271 17.90 -4.37 -13.98
CA THR A 271 18.23 -3.13 -13.27
C THR A 271 19.75 -2.95 -13.19
N PRO A 272 20.23 -1.84 -13.77
CA PRO A 272 21.70 -1.75 -13.92
C PRO A 272 22.47 -1.69 -12.60
N TRP A 273 21.89 -1.12 -11.54
CA TRP A 273 22.57 -1.04 -10.24
C TRP A 273 22.54 -2.33 -9.41
N CYS A 274 21.92 -3.38 -9.93
CA CYS A 274 21.94 -4.66 -9.26
C CYS A 274 23.35 -5.28 -9.26
N PRO A 275 23.83 -5.72 -8.08
CA PRO A 275 25.05 -6.50 -7.99
C PRO A 275 24.79 -7.97 -8.28
N LEU A 276 25.85 -8.75 -8.32
CA LEU A 276 25.72 -10.17 -8.59
C LEU A 276 25.34 -10.98 -7.34
N LEU A 277 26.03 -10.71 -6.22
CA LEU A 277 25.86 -11.51 -4.99
C LEU A 277 26.91 -11.12 -3.93
#